data_2ORJ
#
_entry.id   2ORJ
#
_cell.length_a   55.630
_cell.length_b   108.330
_cell.length_c   55.970
_cell.angle_alpha   90.00
_cell.angle_beta   91.51
_cell.angle_gamma   90.00
#
_symmetry.space_group_name_H-M   'P 1 21 1'
#
loop_
_entity.id
_entity.type
_entity.pdbx_description
1 polymer 'Pulmonary surfactant-associated protein D'
2 non-polymer 'CALCIUM ION'
3 non-polymer 2-acetamido-2-deoxy-alpha-D-mannopyranose
4 water water
#
_entity_poly.entity_id   1
_entity_poly.type   'polypeptide(L)'
_entity_poly.pdbx_seq_one_letter_code
;AMADIGSDVASLRQQVEALQGQVQHLQAAFSQYKKVELFPNGQSVGEKIFKTAGFVKPFTEAQLLCTQAGGQLASPRSAA
ENAALQQLVVAKNEAAFLSMTDSKTEGKFTYPTGESLVYSNWAPGEPNDDGGSEDCVEIFTNGKWNDRACGEKRLVVCEF
;
_entity_poly.pdbx_strand_id   A,B,C
#
loop_
_chem_comp.id
_chem_comp.type
_chem_comp.name
_chem_comp.formula
BM3 D-saccharide, alpha linking 2-acetamido-2-deoxy-alpha-D-mannopyranose 'C8 H15 N O6'
CA non-polymer 'CALCIUM ION' 'Ca 2'
#
# COMPACT_ATOMS: atom_id res chain seq x y z
N ALA A 10 -14.47 21.42 36.06
CA ALA A 10 -14.97 22.26 34.92
C ALA A 10 -13.89 22.47 33.87
N SER A 11 -12.63 22.60 34.31
CA SER A 11 -11.49 22.68 33.40
C SER A 11 -11.11 21.27 32.91
N LEU A 12 -11.54 20.27 33.67
CA LEU A 12 -11.41 18.87 33.27
C LEU A 12 -12.39 18.55 32.14
N ARG A 13 -13.57 19.19 32.18
CA ARG A 13 -14.57 19.07 31.12
C ARG A 13 -14.04 19.61 29.79
N GLN A 14 -13.33 20.74 29.86
CA GLN A 14 -12.77 21.39 28.68
C GLN A 14 -11.54 20.64 28.15
N GLN A 15 -10.84 19.97 29.07
CA GLN A 15 -9.76 19.04 28.72
C GLN A 15 -10.31 17.84 27.93
N VAL A 16 -11.51 17.40 28.32
CA VAL A 16 -12.24 16.33 27.64
C VAL A 16 -12.75 16.77 26.26
N GLU A 17 -13.31 17.98 26.21
CA GLU A 17 -13.76 18.59 24.96
C GLU A 17 -12.61 18.64 23.95
N ALA A 18 -11.45 19.12 24.40
CA ALA A 18 -10.27 19.25 23.55
C ALA A 18 -9.77 17.91 23.04
N LEU A 19 -9.68 16.94 23.95
CA LEU A 19 -9.15 15.62 23.61
C LEU A 19 -10.08 14.90 22.64
N GLN A 20 -11.39 15.14 22.79
CA GLN A 20 -12.36 14.54 21.90
C GLN A 20 -12.29 15.11 20.48
N GLY A 21 -12.07 16.40 20.35
CA GLY A 21 -11.81 17.02 19.05
C GLY A 21 -10.58 16.41 18.39
N GLN A 22 -9.52 16.18 19.18
CA GLN A 22 -8.32 15.52 18.69
C GLN A 22 -8.58 14.08 18.21
N VAL A 23 -9.36 13.35 19.00
CA VAL A 23 -9.69 11.96 18.67
C VAL A 23 -10.58 11.91 17.43
N GLN A 24 -11.53 12.83 17.34
CA GLN A 24 -12.40 12.87 16.17
C GLN A 24 -11.63 13.25 14.89
N HIS A 25 -10.66 14.16 15.02
CA HIS A 25 -9.78 14.47 13.88
C HIS A 25 -8.92 13.26 13.49
N LEU A 26 -8.43 12.53 14.50
CA LEU A 26 -7.67 11.29 14.24
C LEU A 26 -8.56 10.24 13.58
N GLN A 27 -9.81 10.09 14.03
CA GLN A 27 -10.77 9.18 13.38
C GLN A 27 -10.97 9.50 11.90
N ALA A 28 -11.03 10.79 11.57
CA ALA A 28 -11.26 11.21 10.20
C ALA A 28 -10.01 10.96 9.35
N ALA A 29 -8.84 11.26 9.90
CA ALA A 29 -7.58 11.09 9.16
C ALA A 29 -7.32 9.59 8.95
N PHE A 30 -7.53 8.82 10.00
CA PHE A 30 -7.39 7.37 9.89
C PHE A 30 -8.33 6.76 8.84
N SER A 31 -9.59 7.19 8.83
CA SER A 31 -10.55 6.68 7.89
C SER A 31 -10.10 6.96 6.45
N GLN A 32 -9.60 8.17 6.24
CA GLN A 32 -9.10 8.58 4.91
C GLN A 32 -7.92 7.70 4.50
N TYR A 33 -6.94 7.55 5.39
CA TYR A 33 -5.74 6.74 5.08
C TYR A 33 -6.07 5.25 4.90
N LYS A 34 -7.08 4.79 5.61
CA LYS A 34 -7.51 3.41 5.39
C LYS A 34 -8.11 3.17 4.00
N LYS A 35 -8.93 4.10 3.51
CA LYS A 35 -9.45 3.97 2.14
C LYS A 35 -8.32 3.96 1.13
N VAL A 36 -7.36 4.86 1.31
CA VAL A 36 -6.17 4.90 0.44
C VAL A 36 -5.39 3.59 0.49
N GLU A 37 -5.21 3.06 1.69
CA GLU A 37 -4.46 1.83 1.89
C GLU A 37 -5.04 0.65 1.08
N LEU A 38 -6.37 0.54 1.06
CA LEU A 38 -7.05 -0.62 0.44
C LEU A 38 -7.13 -0.52 -1.07
N PHE A 39 -6.84 0.66 -1.61
CA PHE A 39 -6.87 0.85 -3.05
C PHE A 39 -5.48 0.64 -3.67
N PRO A 40 -5.33 -0.30 -4.63
CA PRO A 40 -6.35 -1.18 -5.19
C PRO A 40 -6.25 -2.65 -4.74
N ASN A 41 -5.38 -2.95 -3.78
CA ASN A 41 -5.06 -4.35 -3.46
C ASN A 41 -5.73 -4.95 -2.23
N GLY A 42 -6.64 -4.21 -1.63
CA GLY A 42 -7.36 -4.68 -0.44
C GLY A 42 -8.87 -4.54 -0.53
N GLN A 43 -9.57 -5.25 0.34
CA GLN A 43 -11.03 -5.12 0.47
C GLN A 43 -11.38 -5.32 1.93
N SER A 44 -12.20 -4.44 2.48
CA SER A 44 -12.65 -4.60 3.86
C SER A 44 -14.07 -5.18 3.81
N VAL A 45 -14.39 -6.04 4.77
CA VAL A 45 -15.75 -6.57 4.92
C VAL A 45 -15.94 -6.85 6.40
N GLY A 46 -16.92 -6.18 7.00
CA GLY A 46 -17.08 -6.23 8.45
C GLY A 46 -15.81 -5.77 9.12
N GLU A 47 -15.31 -6.57 10.06
CA GLU A 47 -14.08 -6.19 10.78
C GLU A 47 -12.82 -6.83 10.15
N LYS A 48 -13.02 -7.50 9.02
CA LYS A 48 -11.96 -8.24 8.32
C LYS A 48 -11.41 -7.44 7.16
N ILE A 49 -10.12 -7.59 6.87
CA ILE A 49 -9.49 -6.92 5.73
C ILE A 49 -8.72 -7.96 4.96
N PHE A 50 -9.04 -8.09 3.66
CA PHE A 50 -8.25 -8.90 2.74
C PHE A 50 -7.24 -7.99 2.04
N LYS A 51 -6.02 -8.50 1.84
CA LYS A 51 -5.04 -7.81 1.03
C LYS A 51 -4.22 -8.81 0.25
N THR A 52 -4.11 -8.58 -1.06
CA THR A 52 -3.28 -9.41 -1.91
C THR A 52 -1.85 -8.90 -1.99
N ALA A 53 -0.92 -9.86 -2.07
CA ALA A 53 0.49 -9.54 -2.32
C ALA A 53 0.70 -9.21 -3.79
N GLY A 54 -0.24 -9.60 -4.64
CA GLY A 54 -0.17 -9.30 -6.08
C GLY A 54 0.66 -10.27 -6.89
N PHE A 55 1.15 -11.34 -6.26
CA PHE A 55 1.88 -12.41 -6.95
C PHE A 55 1.41 -13.82 -6.51
N VAL A 56 1.83 -14.84 -7.25
CA VAL A 56 1.45 -16.22 -6.97
C VAL A 56 2.58 -16.96 -6.23
N LYS A 57 2.19 -17.92 -5.40
CA LYS A 57 3.10 -18.80 -4.66
C LYS A 57 2.39 -20.14 -4.43
N PRO A 58 3.15 -21.23 -4.19
CA PRO A 58 2.57 -22.50 -3.73
C PRO A 58 1.99 -22.28 -2.34
N PHE A 59 1.10 -23.17 -1.93
CA PHE A 59 0.38 -23.00 -0.66
C PHE A 59 1.30 -22.78 0.56
N THR A 60 2.30 -23.64 0.76
CA THR A 60 3.14 -23.54 1.97
C THR A 60 3.79 -22.16 2.06
N GLU A 61 4.35 -21.72 0.94
CA GLU A 61 4.96 -20.39 0.84
C GLU A 61 3.94 -19.28 1.14
N ALA A 62 2.76 -19.40 0.55
CA ALA A 62 1.71 -18.39 0.71
C ALA A 62 1.26 -18.30 2.17
N GLN A 63 1.01 -19.47 2.77
CA GLN A 63 0.64 -19.58 4.17
C GLN A 63 1.67 -18.92 5.08
N LEU A 64 2.95 -19.19 4.81
CA LEU A 64 4.03 -18.62 5.61
C LEU A 64 4.06 -17.09 5.51
N LEU A 65 3.90 -16.56 4.29
CA LEU A 65 3.87 -15.09 4.10
C LEU A 65 2.80 -14.44 4.96
N CYS A 66 1.59 -15.01 4.94
CA CYS A 66 0.49 -14.45 5.74
C CYS A 66 0.74 -14.55 7.25
N THR A 67 1.21 -15.71 7.70
CA THR A 67 1.49 -15.95 9.12
C THR A 67 2.59 -15.00 9.60
N GLN A 68 3.65 -14.88 8.81
CA GLN A 68 4.75 -13.97 9.17
C GLN A 68 4.31 -12.50 9.23
N ALA A 69 3.31 -12.12 8.42
CA ALA A 69 2.75 -10.77 8.40
C ALA A 69 1.72 -10.53 9.52
N GLY A 70 1.50 -11.54 10.37
CA GLY A 70 0.52 -11.42 11.47
C GLY A 70 -0.93 -11.68 11.10
N GLY A 71 -1.13 -12.32 9.96
CA GLY A 71 -2.49 -12.65 9.50
C GLY A 71 -2.58 -14.14 9.20
N GLN A 72 -3.47 -14.48 8.27
CA GLN A 72 -3.62 -15.85 7.78
C GLN A 72 -4.11 -15.79 6.34
N LEU A 73 -4.00 -16.92 5.62
CA LEU A 73 -4.55 -16.96 4.27
C LEU A 73 -6.05 -16.66 4.30
N ALA A 74 -6.56 -16.08 3.21
CA ALA A 74 -7.96 -15.70 3.14
C ALA A 74 -8.88 -16.85 3.55
N SER A 75 -9.82 -16.54 4.44
CA SER A 75 -10.69 -17.55 5.04
C SER A 75 -12.12 -17.02 5.04
N PRO A 76 -12.76 -16.96 3.86
CA PRO A 76 -14.13 -16.43 3.82
C PRO A 76 -15.12 -17.31 4.59
N ARG A 77 -15.87 -16.69 5.50
CA ARG A 77 -16.72 -17.43 6.42
C ARG A 77 -18.19 -17.12 6.18
N SER A 78 -18.49 -16.42 5.10
CA SER A 78 -19.86 -16.04 4.73
C SER A 78 -19.90 -15.63 3.27
N ALA A 79 -21.12 -15.55 2.71
CA ALA A 79 -21.29 -15.10 1.33
C ALA A 79 -20.71 -13.70 1.14
N ALA A 80 -20.97 -12.81 2.11
CA ALA A 80 -20.40 -11.46 2.07
C ALA A 80 -18.87 -11.45 2.04
N GLU A 81 -18.23 -12.23 2.91
CA GLU A 81 -16.77 -12.33 2.87
C GLU A 81 -16.27 -12.90 1.53
N ASN A 82 -16.97 -13.90 1.01
CA ASN A 82 -16.56 -14.52 -0.25
C ASN A 82 -16.61 -13.52 -1.41
N ALA A 83 -17.64 -12.70 -1.41
CA ALA A 83 -17.84 -11.72 -2.47
C ALA A 83 -16.73 -10.66 -2.41
N ALA A 84 -16.34 -10.28 -1.20
CA ALA A 84 -15.25 -9.31 -1.01
C ALA A 84 -13.94 -9.85 -1.56
N LEU A 85 -13.64 -11.10 -1.22
CA LEU A 85 -12.44 -11.75 -1.70
C LEU A 85 -12.45 -11.88 -3.23
N GLN A 86 -13.59 -12.28 -3.77
CA GLN A 86 -13.80 -12.40 -5.23
C GLN A 86 -13.43 -11.12 -5.99
N GLN A 87 -13.76 -9.97 -5.41
CA GLN A 87 -13.34 -8.68 -6.03
C GLN A 87 -11.84 -8.61 -6.33
N LEU A 88 -11.00 -9.01 -5.37
CA LEU A 88 -9.56 -9.01 -5.57
C LEU A 88 -9.12 -10.01 -6.59
N VAL A 89 -9.71 -11.19 -6.53
CA VAL A 89 -9.42 -12.22 -7.50
C VAL A 89 -9.76 -11.73 -8.93
N VAL A 90 -10.93 -11.12 -9.08
CA VAL A 90 -11.38 -10.58 -10.38
C VAL A 90 -10.41 -9.49 -10.84
N ALA A 91 -10.07 -8.57 -9.93
CA ALA A 91 -9.14 -7.47 -10.20
C ALA A 91 -7.75 -7.92 -10.67
N LYS A 92 -7.20 -8.96 -10.04
CA LYS A 92 -5.91 -9.51 -10.47
C LYS A 92 -6.06 -10.50 -11.61
N ASN A 93 -7.30 -10.94 -11.85
CA ASN A 93 -7.57 -12.03 -12.81
C ASN A 93 -6.69 -13.25 -12.53
N GLU A 94 -6.60 -13.62 -11.25
CA GLU A 94 -5.79 -14.77 -10.83
C GLU A 94 -6.51 -15.46 -9.68
N ALA A 95 -6.82 -16.74 -9.86
CA ALA A 95 -7.38 -17.55 -8.78
C ALA A 95 -6.45 -17.52 -7.56
N ALA A 96 -7.05 -17.55 -6.37
CA ALA A 96 -6.30 -17.43 -5.11
C ALA A 96 -6.45 -18.68 -4.22
N PHE A 97 -5.41 -19.00 -3.43
CA PHE A 97 -5.59 -19.99 -2.34
C PHE A 97 -6.40 -19.44 -1.17
N LEU A 98 -7.21 -20.32 -0.60
CA LEU A 98 -7.80 -20.11 0.71
C LEU A 98 -6.93 -20.82 1.76
N SER A 99 -7.25 -20.62 3.04
CA SER A 99 -6.42 -21.15 4.12
C SER A 99 -6.68 -22.62 4.38
N MET A 100 -7.84 -23.10 3.93
CA MET A 100 -8.39 -24.38 4.39
C MET A 100 -7.84 -25.59 3.63
N THR A 101 -7.64 -26.70 4.35
CA THR A 101 -7.12 -27.94 3.76
C THR A 101 -7.81 -29.16 4.35
N ASP A 102 -7.76 -30.28 3.63
CA ASP A 102 -8.20 -31.58 4.19
C ASP A 102 -7.00 -32.52 4.34
N SER A 103 -5.85 -31.95 4.70
CA SER A 103 -4.60 -32.70 4.82
C SER A 103 -4.65 -33.75 5.95
N LYS A 104 -5.35 -33.43 7.04
CA LYS A 104 -5.38 -34.30 8.22
C LYS A 104 -6.33 -35.48 8.01
N THR A 105 -7.56 -35.19 7.57
CA THR A 105 -8.55 -36.21 7.25
C THR A 105 -9.13 -35.92 5.88
N GLU A 106 -8.80 -36.77 4.92
CA GLU A 106 -9.26 -36.60 3.54
C GLU A 106 -10.77 -36.38 3.44
N GLY A 107 -11.17 -35.36 2.72
CA GLY A 107 -12.59 -35.05 2.57
C GLY A 107 -13.16 -34.12 3.62
N LYS A 108 -12.38 -33.85 4.69
CA LYS A 108 -12.83 -32.97 5.77
C LYS A 108 -11.99 -31.68 5.79
N PHE A 109 -12.51 -30.62 5.17
CA PHE A 109 -11.77 -29.37 5.09
C PHE A 109 -11.88 -28.58 6.37
N THR A 110 -10.76 -28.04 6.82
CA THR A 110 -10.70 -27.31 8.09
C THR A 110 -9.91 -26.01 7.94
N TYR A 111 -10.21 -25.07 8.83
CA TYR A 111 -9.39 -23.86 8.99
C TYR A 111 -8.06 -24.24 9.67
N PRO A 112 -7.06 -23.33 9.63
CA PRO A 112 -5.76 -23.59 10.26
C PRO A 112 -5.86 -24.07 11.73
N THR A 113 -6.87 -23.59 12.45
CA THR A 113 -7.14 -23.98 13.85
C THR A 113 -7.67 -25.42 14.03
N GLY A 114 -8.11 -26.02 12.93
CA GLY A 114 -8.65 -27.38 12.99
C GLY A 114 -10.16 -27.44 13.00
N GLU A 115 -10.80 -26.29 13.19
CA GLU A 115 -12.26 -26.15 13.13
C GLU A 115 -12.80 -26.49 11.72
N SER A 116 -13.92 -27.22 11.68
CA SER A 116 -14.61 -27.55 10.43
C SER A 116 -15.21 -26.30 9.76
N LEU A 117 -15.32 -26.31 8.43
CA LEU A 117 -15.91 -25.20 7.68
C LEU A 117 -17.27 -24.76 8.20
N VAL A 118 -17.52 -23.46 8.25
CA VAL A 118 -18.84 -22.89 8.61
C VAL A 118 -19.58 -22.29 7.38
N TYR A 119 -18.88 -22.27 6.24
CA TYR A 119 -19.36 -21.74 4.98
C TYR A 119 -18.53 -22.40 3.90
N SER A 120 -19.17 -22.72 2.77
CA SER A 120 -18.45 -23.20 1.59
C SER A 120 -19.12 -22.69 0.33
N ASN A 121 -18.35 -22.60 -0.76
CA ASN A 121 -18.88 -22.17 -2.06
C ASN A 121 -18.32 -23.02 -3.20
N TRP A 122 -18.38 -24.35 -3.03
CA TRP A 122 -17.81 -25.27 -4.01
C TRP A 122 -18.48 -25.16 -5.38
N ALA A 123 -17.65 -25.15 -6.42
CA ALA A 123 -18.13 -25.26 -7.80
C ALA A 123 -18.81 -26.64 -7.96
N PRO A 124 -19.78 -26.76 -8.87
CA PRO A 124 -20.38 -28.09 -9.13
C PRO A 124 -19.32 -29.17 -9.39
N GLY A 125 -19.50 -30.32 -8.76
CA GLY A 125 -18.59 -31.47 -8.88
C GLY A 125 -17.42 -31.45 -7.92
N GLU A 126 -17.30 -30.36 -7.17
CA GLU A 126 -16.21 -30.19 -6.19
C GLU A 126 -16.71 -30.26 -4.75
N PRO A 127 -15.83 -30.63 -3.79
CA PRO A 127 -14.42 -31.00 -4.01
C PRO A 127 -14.35 -32.45 -4.51
N ASN A 128 -13.36 -32.78 -5.30
CA ASN A 128 -13.29 -34.14 -5.88
C ASN A 128 -11.96 -34.88 -5.68
N ASP A 129 -11.00 -34.25 -4.98
CA ASP A 129 -9.69 -34.87 -4.75
C ASP A 129 -9.12 -35.48 -6.04
N ASP A 130 -9.04 -34.67 -7.07
CA ASP A 130 -8.64 -35.15 -8.39
C ASP A 130 -7.22 -35.70 -8.32
N GLY A 131 -6.98 -36.82 -8.99
CA GLY A 131 -5.69 -37.49 -8.92
C GLY A 131 -5.40 -38.14 -7.58
N GLY A 132 -6.34 -38.05 -6.64
CA GLY A 132 -6.16 -38.57 -5.28
C GLY A 132 -5.30 -37.66 -4.40
N SER A 133 -5.11 -36.41 -4.81
CA SER A 133 -4.17 -35.52 -4.14
C SER A 133 -4.47 -34.03 -4.33
N GLU A 134 -5.68 -33.62 -3.95
CA GLU A 134 -6.03 -32.21 -3.89
C GLU A 134 -6.48 -31.85 -2.49
N ASP A 135 -5.57 -31.27 -1.71
CA ASP A 135 -5.85 -30.99 -0.30
C ASP A 135 -5.92 -29.48 0.04
N CYS A 136 -5.73 -28.63 -0.96
CA CYS A 136 -5.88 -27.17 -0.80
C CYS A 136 -7.12 -26.66 -1.56
N VAL A 137 -7.42 -25.38 -1.43
CA VAL A 137 -8.63 -24.82 -2.02
C VAL A 137 -8.27 -23.55 -2.76
N GLU A 138 -8.76 -23.42 -3.99
CA GLU A 138 -8.63 -22.17 -4.74
C GLU A 138 -10.01 -21.56 -4.95
N ILE A 139 -10.04 -20.23 -5.03
CA ILE A 139 -11.24 -19.48 -5.39
C ILE A 139 -11.03 -18.87 -6.77
N PHE A 140 -11.96 -19.18 -7.67
CA PHE A 140 -11.96 -18.64 -9.03
C PHE A 140 -12.47 -17.20 -9.13
N THR A 141 -12.26 -16.59 -10.31
CA THR A 141 -12.86 -15.26 -10.58
C THR A 141 -14.39 -15.23 -10.50
N ASN A 142 -15.06 -16.38 -10.68
CA ASN A 142 -16.52 -16.42 -10.45
C ASN A 142 -16.91 -16.65 -8.98
N GLY A 143 -15.91 -16.67 -8.10
CA GLY A 143 -16.14 -16.81 -6.66
C GLY A 143 -16.34 -18.23 -6.14
N LYS A 144 -16.51 -19.20 -7.04
CA LYS A 144 -16.67 -20.59 -6.65
C LYS A 144 -15.33 -21.21 -6.26
N TRP A 145 -15.38 -22.26 -5.46
CA TRP A 145 -14.16 -22.93 -4.99
C TRP A 145 -13.92 -24.28 -5.64
N ASN A 146 -12.65 -24.64 -5.71
CA ASN A 146 -12.22 -25.92 -6.22
C ASN A 146 -11.06 -26.46 -5.38
N ASP A 147 -11.10 -27.74 -5.01
CA ASP A 147 -9.92 -28.30 -4.35
C ASP A 147 -8.85 -28.49 -5.40
N ARG A 148 -7.61 -28.21 -5.02
CA ARG A 148 -6.48 -28.20 -5.93
C ARG A 148 -5.24 -28.63 -5.18
N ALA A 149 -4.27 -29.20 -5.90
CA ALA A 149 -2.99 -29.61 -5.31
C ALA A 149 -2.26 -28.41 -4.69
N CYS A 150 -1.79 -28.61 -3.46
CA CYS A 150 -1.11 -27.57 -2.69
C CYS A 150 0.18 -27.07 -3.32
N GLY A 151 0.76 -27.89 -4.21
CA GLY A 151 2.00 -27.54 -4.91
C GLY A 151 1.83 -26.54 -6.04
N GLU A 152 0.59 -26.34 -6.48
CA GLU A 152 0.30 -25.38 -7.55
C GLU A 152 0.48 -23.96 -7.02
N LYS A 153 0.76 -23.02 -7.92
CA LYS A 153 0.95 -21.59 -7.57
C LYS A 153 -0.33 -20.81 -7.78
N ARG A 154 -0.77 -20.09 -6.73
CA ARG A 154 -1.98 -19.29 -6.82
C ARG A 154 -1.77 -17.92 -6.17
N LEU A 155 -2.67 -16.99 -6.45
CA LEU A 155 -2.57 -15.62 -5.92
C LEU A 155 -2.56 -15.63 -4.39
N VAL A 156 -1.65 -14.86 -3.79
CA VAL A 156 -1.53 -14.84 -2.33
C VAL A 156 -2.43 -13.72 -1.82
N VAL A 157 -3.43 -14.09 -1.03
CA VAL A 157 -4.30 -13.11 -0.40
C VAL A 157 -4.38 -13.47 1.08
N CYS A 158 -4.00 -12.50 1.91
CA CYS A 158 -4.06 -12.70 3.36
C CYS A 158 -5.25 -11.96 3.94
N GLU A 159 -5.71 -12.41 5.10
CA GLU A 159 -6.70 -11.66 5.86
C GLU A 159 -6.09 -11.20 7.19
N PHE A 160 -6.51 -10.01 7.61
CA PHE A 160 -6.08 -9.36 8.84
C PHE A 160 -7.32 -8.89 9.60
N ALA B 10 -12.56 13.29 40.26
CA ALA B 10 -11.24 12.92 40.87
C ALA B 10 -10.51 11.86 40.03
N SER B 11 -10.98 10.62 40.08
CA SER B 11 -10.40 9.53 39.31
C SER B 11 -10.71 9.66 37.81
N LEU B 12 -11.57 10.63 37.49
CA LEU B 12 -11.83 11.03 36.12
C LEU B 12 -10.62 11.77 35.52
N ARG B 13 -9.90 12.52 36.36
CA ARG B 13 -8.71 13.25 35.93
C ARG B 13 -7.60 12.26 35.54
N GLN B 14 -7.45 11.21 36.34
CA GLN B 14 -6.50 10.13 36.09
C GLN B 14 -6.80 9.43 34.76
N GLN B 15 -8.08 9.31 34.45
CA GLN B 15 -8.55 8.69 33.20
C GLN B 15 -8.29 9.56 31.97
N VAL B 16 -8.51 10.87 32.11
CA VAL B 16 -8.24 11.83 31.01
C VAL B 16 -6.74 11.94 30.75
N GLU B 17 -5.95 11.92 31.82
CA GLU B 17 -4.48 11.89 31.73
C GLU B 17 -4.01 10.63 30.99
N ALA B 18 -4.67 9.50 31.27
CA ALA B 18 -4.35 8.23 30.62
C ALA B 18 -4.65 8.29 29.12
N LEU B 19 -5.85 8.77 28.79
CA LEU B 19 -6.26 8.96 27.40
C LEU B 19 -5.33 9.89 26.62
N GLN B 20 -4.91 10.98 27.26
CA GLN B 20 -3.96 11.92 26.65
C GLN B 20 -2.69 11.19 26.19
N GLY B 21 -2.15 10.34 27.04
CA GLY B 21 -0.97 9.54 26.69
C GLY B 21 -1.22 8.54 25.55
N GLN B 22 -2.42 7.97 25.51
CA GLN B 22 -2.75 6.98 24.46
C GLN B 22 -2.91 7.68 23.12
N VAL B 23 -3.53 8.86 23.15
CA VAL B 23 -3.75 9.65 21.95
C VAL B 23 -2.42 10.12 21.39
N GLN B 24 -1.53 10.63 22.24
CA GLN B 24 -0.21 11.06 21.79
C GLN B 24 0.56 9.94 21.11
N HIS B 25 0.49 8.74 21.67
CA HIS B 25 1.17 7.59 21.07
C HIS B 25 0.60 7.28 19.69
N LEU B 26 -0.73 7.26 19.59
CA LEU B 26 -1.41 6.98 18.32
C LEU B 26 -1.06 8.04 17.30
N GLN B 27 -1.06 9.30 17.70
CA GLN B 27 -0.76 10.40 16.77
C GLN B 27 0.64 10.26 16.17
N ALA B 28 1.61 9.96 17.03
CA ALA B 28 3.01 9.83 16.61
C ALA B 28 3.19 8.61 15.69
N ALA B 29 2.60 7.48 16.08
CA ALA B 29 2.73 6.23 15.33
C ALA B 29 2.10 6.39 13.96
N PHE B 30 0.93 7.04 13.95
CA PHE B 30 0.17 7.23 12.72
C PHE B 30 0.87 8.20 11.79
N SER B 31 1.49 9.23 12.37
CA SER B 31 2.23 10.18 11.54
C SER B 31 3.33 9.47 10.71
N GLN B 32 3.98 8.49 11.32
CA GLN B 32 5.03 7.74 10.61
C GLN B 32 4.39 6.89 9.50
N TYR B 33 3.28 6.22 9.83
CA TYR B 33 2.61 5.35 8.86
C TYR B 33 2.04 6.09 7.64
N LYS B 34 1.69 7.36 7.80
CA LYS B 34 1.19 8.14 6.66
C LYS B 34 2.28 8.24 5.59
N LYS B 35 3.52 8.52 6.01
CA LYS B 35 4.64 8.62 5.04
C LYS B 35 4.91 7.29 4.37
N VAL B 36 4.92 6.23 5.18
CA VAL B 36 5.15 4.86 4.69
C VAL B 36 4.09 4.47 3.65
N GLU B 37 2.83 4.67 4.02
CA GLU B 37 1.71 4.31 3.15
C GLU B 37 1.74 5.02 1.78
N LEU B 38 2.10 6.29 1.75
CA LEU B 38 2.06 7.07 0.50
C LEU B 38 3.26 6.78 -0.43
N PHE B 39 4.26 6.09 0.11
CA PHE B 39 5.42 5.68 -0.70
C PHE B 39 5.16 4.32 -1.34
N PRO B 40 5.32 4.20 -2.68
CA PRO B 40 5.66 5.18 -3.73
C PRO B 40 4.48 5.66 -4.58
N ASN B 41 3.25 5.30 -4.20
CA ASN B 41 2.12 5.45 -5.13
C ASN B 41 1.10 6.48 -4.74
N GLY B 42 1.39 7.23 -3.69
CA GLY B 42 0.49 8.30 -3.31
C GLY B 42 1.11 9.67 -3.17
N GLN B 43 0.26 10.68 -3.13
CA GLN B 43 0.70 12.07 -3.00
C GLN B 43 -0.33 12.83 -2.22
N SER B 44 0.09 13.44 -1.10
CA SER B 44 -0.80 14.25 -0.28
C SER B 44 -0.72 15.69 -0.75
N VAL B 45 -1.86 16.37 -0.84
CA VAL B 45 -1.86 17.80 -1.15
C VAL B 45 -3.04 18.45 -0.45
N GLY B 46 -2.75 19.38 0.47
CA GLY B 46 -3.79 19.88 1.37
C GLY B 46 -4.44 18.72 2.08
N GLU B 47 -5.76 18.65 2.00
CA GLU B 47 -6.56 17.59 2.61
C GLU B 47 -6.90 16.44 1.67
N LYS B 48 -6.38 16.49 0.45
CA LYS B 48 -6.65 15.49 -0.59
C LYS B 48 -5.46 14.53 -0.70
N ILE B 49 -5.75 13.26 -1.01
CA ILE B 49 -4.69 12.31 -1.32
C ILE B 49 -4.97 11.67 -2.70
N PHE B 50 -4.01 11.76 -3.61
CA PHE B 50 -4.05 10.97 -4.83
C PHE B 50 -3.33 9.64 -4.63
N LYS B 51 -3.84 8.58 -5.23
CA LYS B 51 -3.17 7.29 -5.13
C LYS B 51 -3.34 6.60 -6.47
N THR B 52 -2.23 6.18 -7.08
CA THR B 52 -2.30 5.47 -8.35
C THR B 52 -2.42 3.96 -8.14
N ALA B 53 -3.18 3.31 -9.01
CA ALA B 53 -3.28 1.85 -9.03
C ALA B 53 -2.06 1.25 -9.67
N GLY B 54 -1.27 2.07 -10.37
CA GLY B 54 -0.05 1.62 -11.04
C GLY B 54 -0.27 0.95 -12.39
N PHE B 55 -1.52 0.89 -12.85
CA PHE B 55 -1.82 0.32 -14.16
C PHE B 55 -2.81 1.18 -14.93
N VAL B 56 -3.01 0.82 -16.20
CA VAL B 56 -3.89 1.55 -17.12
C VAL B 56 -5.22 0.84 -17.32
N LYS B 57 -6.27 1.64 -17.49
CA LYS B 57 -7.63 1.20 -17.82
C LYS B 57 -8.32 2.26 -18.70
N PRO B 58 -9.33 1.84 -19.48
CA PRO B 58 -10.20 2.81 -20.16
C PRO B 58 -10.99 3.59 -19.11
N PHE B 59 -11.58 4.72 -19.49
CA PHE B 59 -12.22 5.62 -18.53
C PHE B 59 -13.29 4.97 -17.63
N THR B 60 -14.26 4.30 -18.24
CA THR B 60 -15.37 3.74 -17.47
C THR B 60 -14.84 2.78 -16.40
N GLU B 61 -13.87 1.94 -16.77
CA GLU B 61 -13.28 0.97 -15.83
C GLU B 61 -12.53 1.68 -14.69
N ALA B 62 -11.77 2.70 -15.06
CA ALA B 62 -11.04 3.51 -14.08
C ALA B 62 -11.98 4.24 -13.12
N GLN B 63 -13.05 4.83 -13.65
CA GLN B 63 -14.04 5.53 -12.87
C GLN B 63 -14.64 4.55 -11.85
N LEU B 64 -15.03 3.36 -12.33
CA LEU B 64 -15.60 2.36 -11.43
C LEU B 64 -14.67 1.93 -10.29
N LEU B 65 -13.40 1.70 -10.62
CA LEU B 65 -12.38 1.35 -9.62
C LEU B 65 -12.35 2.39 -8.47
N CYS B 66 -12.33 3.66 -8.83
CA CYS B 66 -12.22 4.72 -7.84
C CYS B 66 -13.48 4.84 -7.01
N THR B 67 -14.65 4.79 -7.66
CA THR B 67 -15.90 4.94 -6.94
C THR B 67 -16.15 3.75 -6.00
N GLN B 68 -15.86 2.55 -6.46
CA GLN B 68 -15.99 1.35 -5.61
C GLN B 68 -15.05 1.35 -4.41
N ALA B 69 -13.91 2.05 -4.55
CA ALA B 69 -12.93 2.20 -3.47
C ALA B 69 -13.27 3.33 -2.49
N GLY B 70 -14.38 4.02 -2.72
CA GLY B 70 -14.81 5.10 -1.83
C GLY B 70 -14.23 6.46 -2.18
N GLY B 71 -13.68 6.57 -3.39
CA GLY B 71 -13.11 7.83 -3.88
C GLY B 71 -13.71 8.23 -5.22
N GLN B 72 -12.90 8.90 -6.04
CA GLN B 72 -13.27 9.26 -7.42
C GLN B 72 -12.02 9.47 -8.23
N LEU B 73 -12.14 9.53 -9.55
CA LEU B 73 -10.97 9.78 -10.40
C LEU B 73 -10.35 11.11 -10.04
N ALA B 74 -9.03 11.21 -10.22
CA ALA B 74 -8.28 12.44 -9.91
C ALA B 74 -8.99 13.68 -10.48
N SER B 75 -9.19 14.69 -9.63
CA SER B 75 -9.98 15.88 -9.99
C SER B 75 -9.26 17.13 -9.47
N PRO B 76 -8.11 17.47 -10.10
CA PRO B 76 -7.31 18.60 -9.57
C PRO B 76 -8.10 19.91 -9.68
N ARG B 77 -8.26 20.60 -8.56
CA ARG B 77 -9.11 21.80 -8.49
C ARG B 77 -8.28 23.08 -8.31
N SER B 78 -6.96 22.94 -8.41
CA SER B 78 -6.04 24.08 -8.30
C SER B 78 -4.72 23.69 -8.95
N ALA B 79 -3.86 24.68 -9.21
CA ALA B 79 -2.50 24.44 -9.72
C ALA B 79 -1.71 23.54 -8.80
N ALA B 80 -1.86 23.74 -7.48
CA ALA B 80 -1.15 22.97 -6.49
C ALA B 80 -1.58 21.50 -6.55
N GLU B 81 -2.89 21.26 -6.64
CA GLU B 81 -3.37 19.88 -6.78
C GLU B 81 -2.88 19.26 -8.07
N ASN B 82 -2.90 20.05 -9.15
CA ASN B 82 -2.47 19.55 -10.45
C ASN B 82 -1.01 19.17 -10.43
N ALA B 83 -0.19 19.99 -9.76
CA ALA B 83 1.27 19.74 -9.67
C ALA B 83 1.54 18.46 -8.89
N ALA B 84 0.74 18.21 -7.85
CA ALA B 84 0.87 17.03 -7.03
C ALA B 84 0.52 15.77 -7.83
N LEU B 85 -0.58 15.84 -8.58
CA LEU B 85 -0.97 14.75 -9.48
C LEU B 85 0.13 14.50 -10.51
N GLN B 86 0.68 15.59 -11.04
CA GLN B 86 1.76 15.49 -12.03
C GLN B 86 2.95 14.66 -11.50
N GLN B 87 3.31 14.83 -10.22
CA GLN B 87 4.40 14.04 -9.62
C GLN B 87 4.19 12.53 -9.74
N LEU B 88 2.96 12.05 -9.56
CA LEU B 88 2.67 10.63 -9.80
C LEU B 88 2.77 10.23 -11.24
N VAL B 89 2.21 11.05 -12.12
CA VAL B 89 2.23 10.80 -13.54
C VAL B 89 3.69 10.69 -14.02
N VAL B 90 4.52 11.63 -13.59
CA VAL B 90 5.96 11.61 -13.92
C VAL B 90 6.63 10.34 -13.38
N ALA B 91 6.34 10.01 -12.12
CA ALA B 91 6.92 8.82 -11.48
C ALA B 91 6.60 7.55 -12.25
N LYS B 92 5.36 7.42 -12.69
CA LYS B 92 4.92 6.22 -13.38
C LYS B 92 5.20 6.32 -14.87
N ASN B 93 5.56 7.53 -15.31
CA ASN B 93 5.78 7.84 -16.72
C ASN B 93 4.63 7.38 -17.64
N GLU B 94 3.41 7.67 -17.19
CA GLU B 94 2.21 7.31 -17.92
C GLU B 94 1.16 8.39 -17.69
N ALA B 95 0.65 8.98 -18.78
CA ALA B 95 -0.46 9.94 -18.66
C ALA B 95 -1.67 9.26 -17.99
N ALA B 96 -2.44 10.04 -17.23
CA ALA B 96 -3.56 9.56 -16.42
C ALA B 96 -4.88 10.19 -16.84
N PHE B 97 -5.98 9.49 -16.61
CA PHE B 97 -7.29 10.11 -16.75
C PHE B 97 -7.63 11.01 -15.56
N LEU B 98 -8.28 12.13 -15.87
CA LEU B 98 -8.97 12.91 -14.88
C LEU B 98 -10.44 12.47 -14.80
N SER B 99 -11.18 13.00 -13.84
CA SER B 99 -12.58 12.58 -13.64
C SER B 99 -13.54 13.24 -14.63
N MET B 100 -13.09 14.34 -15.25
CA MET B 100 -14.00 15.26 -15.93
C MET B 100 -14.28 14.88 -17.38
N THR B 101 -15.51 15.13 -17.82
CA THR B 101 -15.92 14.79 -19.19
C THR B 101 -16.88 15.85 -19.75
N ASP B 102 -16.98 15.93 -21.07
CA ASP B 102 -18.04 16.73 -21.70
C ASP B 102 -19.02 15.78 -22.42
N SER B 103 -19.25 14.62 -21.81
CA SER B 103 -20.15 13.62 -22.36
C SER B 103 -21.60 14.10 -22.42
N LYS B 104 -22.02 14.88 -21.43
CA LYS B 104 -23.40 15.39 -21.39
C LYS B 104 -23.63 16.46 -22.46
N THR B 105 -22.85 17.54 -22.40
CA THR B 105 -22.94 18.62 -23.37
C THR B 105 -21.56 18.87 -23.95
N GLU B 106 -21.38 18.53 -25.23
CA GLU B 106 -20.11 18.77 -25.94
C GLU B 106 -19.58 20.18 -25.70
N GLY B 107 -18.30 20.25 -25.31
CA GLY B 107 -17.63 21.53 -25.07
C GLY B 107 -17.71 22.04 -23.64
N LYS B 108 -18.59 21.43 -22.84
CA LYS B 108 -18.72 21.82 -21.43
C LYS B 108 -18.25 20.71 -20.52
N PHE B 109 -17.00 20.80 -20.03
CA PHE B 109 -16.46 19.80 -19.13
C PHE B 109 -16.96 19.98 -17.71
N THR B 110 -17.33 18.87 -17.09
CA THR B 110 -17.83 18.89 -15.72
C THR B 110 -17.19 17.78 -14.86
N TYR B 111 -17.20 18.00 -13.54
CA TYR B 111 -16.92 16.97 -12.56
C TYR B 111 -18.05 15.92 -12.54
N PRO B 112 -17.81 14.72 -11.93
CA PRO B 112 -18.88 13.71 -11.86
C PRO B 112 -20.20 14.22 -11.24
N THR B 113 -20.11 15.23 -10.38
CA THR B 113 -21.26 15.90 -9.75
C THR B 113 -22.07 16.78 -10.70
N GLY B 114 -21.46 17.25 -11.79
CA GLY B 114 -22.14 18.08 -12.79
C GLY B 114 -21.71 19.52 -12.75
N GLU B 115 -20.89 19.85 -11.75
CA GLU B 115 -20.32 21.16 -11.54
C GLU B 115 -19.32 21.49 -12.68
N SER B 116 -19.35 22.71 -13.20
CA SER B 116 -18.34 23.19 -14.16
C SER B 116 -16.94 23.29 -13.54
N LEU B 117 -15.89 23.18 -14.37
CA LEU B 117 -14.50 23.25 -13.86
C LEU B 117 -14.20 24.55 -13.12
N VAL B 118 -13.48 24.43 -12.00
CA VAL B 118 -12.98 25.58 -11.25
C VAL B 118 -11.48 25.80 -11.51
N TYR B 119 -10.89 24.88 -12.27
CA TYR B 119 -9.47 24.97 -12.65
C TYR B 119 -9.28 24.14 -13.92
N SER B 120 -8.40 24.60 -14.81
CA SER B 120 -7.98 23.80 -15.96
C SER B 120 -6.54 24.10 -16.34
N ASN B 121 -5.87 23.14 -16.97
CA ASN B 121 -4.52 23.37 -17.47
C ASN B 121 -4.35 22.82 -18.88
N TRP B 122 -5.23 23.25 -19.76
CA TRP B 122 -5.24 22.74 -21.14
C TRP B 122 -3.95 23.10 -21.88
N ALA B 123 -3.41 22.12 -22.59
CA ALA B 123 -2.36 22.39 -23.57
C ALA B 123 -2.96 23.35 -24.63
N PRO B 124 -2.10 24.17 -25.26
CA PRO B 124 -2.60 25.11 -26.27
C PRO B 124 -3.42 24.41 -27.34
N GLY B 125 -4.57 24.98 -27.66
CA GLY B 125 -5.45 24.41 -28.68
C GLY B 125 -6.43 23.35 -28.20
N GLU B 126 -6.25 22.92 -26.95
CA GLU B 126 -7.13 21.91 -26.37
C GLU B 126 -8.15 22.60 -25.46
N PRO B 127 -9.33 21.98 -25.27
CA PRO B 127 -9.81 20.73 -25.88
C PRO B 127 -10.22 20.96 -27.35
N ASN B 128 -9.98 19.97 -28.21
CA ASN B 128 -10.26 20.10 -29.64
C ASN B 128 -11.25 19.07 -30.20
N ASP B 129 -11.78 18.20 -29.32
CA ASP B 129 -12.70 17.14 -29.73
C ASP B 129 -12.22 16.48 -31.03
N ASP B 130 -10.96 16.04 -31.03
CA ASP B 130 -10.31 15.51 -32.25
C ASP B 130 -11.10 14.31 -32.78
N GLY B 131 -11.46 14.37 -34.06
CA GLY B 131 -12.24 13.28 -34.68
C GLY B 131 -13.71 13.31 -34.28
N GLY B 132 -14.11 14.37 -33.59
CA GLY B 132 -15.46 14.52 -33.09
C GLY B 132 -15.82 13.62 -31.92
N SER B 133 -14.83 13.06 -31.23
CA SER B 133 -15.10 12.03 -30.23
C SER B 133 -14.13 11.96 -29.05
N GLU B 134 -13.76 13.11 -28.51
CA GLU B 134 -12.89 13.16 -27.34
C GLU B 134 -13.65 13.78 -26.21
N ASP B 135 -14.10 12.95 -25.29
CA ASP B 135 -14.97 13.45 -24.21
C ASP B 135 -14.36 13.29 -22.82
N CYS B 136 -13.19 12.69 -22.76
CA CYS B 136 -12.46 12.51 -21.51
C CYS B 136 -11.21 13.39 -21.49
N VAL B 137 -10.50 13.42 -20.35
CA VAL B 137 -9.33 14.30 -20.20
C VAL B 137 -8.16 13.51 -19.64
N GLU B 138 -7.01 13.63 -20.30
CA GLU B 138 -5.75 13.10 -19.78
C GLU B 138 -4.81 14.23 -19.36
N ILE B 139 -4.00 13.92 -18.36
CA ILE B 139 -2.92 14.78 -17.95
C ILE B 139 -1.58 14.14 -18.33
N PHE B 140 -0.76 14.94 -18.99
CA PHE B 140 0.55 14.50 -19.45
C PHE B 140 1.61 14.60 -18.34
N THR B 141 2.81 14.07 -18.64
CA THR B 141 3.93 14.17 -17.69
C THR B 141 4.38 15.63 -17.48
N ASN B 142 4.05 16.51 -18.44
CA ASN B 142 4.33 17.95 -18.24
C ASN B 142 3.20 18.67 -17.48
N GLY B 143 2.20 17.93 -17.04
CA GLY B 143 1.08 18.50 -16.24
C GLY B 143 -0.02 19.17 -17.05
N LYS B 144 0.17 19.27 -18.36
CA LYS B 144 -0.88 19.85 -19.24
C LYS B 144 -1.96 18.83 -19.54
N TRP B 145 -3.15 19.34 -19.89
CA TRP B 145 -4.31 18.50 -20.17
C TRP B 145 -4.66 18.43 -21.65
N ASN B 146 -5.24 17.31 -22.05
CA ASN B 146 -5.69 17.11 -23.43
C ASN B 146 -6.99 16.32 -23.38
N ASP B 147 -8.00 16.72 -24.16
CA ASP B 147 -9.16 15.85 -24.28
C ASP B 147 -8.81 14.66 -25.17
N ARG B 148 -9.34 13.51 -24.78
CA ARG B 148 -8.93 12.25 -25.39
C ARG B 148 -10.13 11.31 -25.37
N ALA B 149 -10.18 10.40 -26.33
CA ALA B 149 -11.25 9.40 -26.38
C ALA B 149 -11.30 8.54 -25.09
N CYS B 150 -12.49 8.42 -24.53
CA CYS B 150 -12.71 7.72 -23.25
C CYS B 150 -12.36 6.25 -23.33
N GLY B 151 -12.38 5.73 -24.57
CA GLY B 151 -12.00 4.34 -24.86
C GLY B 151 -10.53 3.98 -24.71
N GLU B 152 -9.64 4.98 -24.76
CA GLU B 152 -8.20 4.78 -24.63
C GLU B 152 -7.85 4.38 -23.20
N LYS B 153 -6.72 3.71 -23.03
CA LYS B 153 -6.30 3.27 -21.69
C LYS B 153 -5.27 4.22 -21.08
N ARG B 154 -5.56 4.74 -19.89
CA ARG B 154 -4.63 5.65 -19.23
C ARG B 154 -4.42 5.24 -17.77
N LEU B 155 -3.38 5.78 -17.15
CA LEU B 155 -3.03 5.46 -15.76
C LEU B 155 -4.23 5.76 -14.86
N VAL B 156 -4.54 4.83 -13.96
CA VAL B 156 -5.65 5.01 -13.00
C VAL B 156 -5.11 5.69 -11.74
N VAL B 157 -5.62 6.90 -11.49
CA VAL B 157 -5.28 7.64 -10.28
C VAL B 157 -6.56 8.12 -9.64
N CYS B 158 -6.77 7.73 -8.39
CA CYS B 158 -7.99 8.11 -7.66
C CYS B 158 -7.63 9.17 -6.66
N GLU B 159 -8.62 9.94 -6.23
CA GLU B 159 -8.45 10.85 -5.10
C GLU B 159 -9.37 10.44 -3.95
N PHE B 160 -8.84 10.62 -2.76
CA PHE B 160 -9.52 10.31 -1.50
C PHE B 160 -9.38 11.48 -0.53
N ALA C 10 -20.92 13.60 36.17
CA ALA C 10 -21.90 12.51 35.88
C ALA C 10 -22.12 12.38 34.38
N SER C 11 -22.36 13.52 33.72
CA SER C 11 -22.44 13.61 32.26
C SER C 11 -21.02 13.59 31.68
N LEU C 12 -20.09 14.26 32.36
CA LEU C 12 -18.66 14.23 32.03
C LEU C 12 -18.09 12.80 32.08
N ARG C 13 -18.51 12.04 33.10
CA ARG C 13 -18.13 10.65 33.29
C ARG C 13 -18.68 9.77 32.15
N GLN C 14 -19.91 10.08 31.72
CA GLN C 14 -20.56 9.43 30.58
C GLN C 14 -19.81 9.71 29.26
N GLN C 15 -19.20 10.89 29.16
CA GLN C 15 -18.48 11.31 27.96
C GLN C 15 -17.02 10.87 27.93
N VAL C 16 -16.39 10.79 29.11
CA VAL C 16 -15.07 10.18 29.26
C VAL C 16 -15.16 8.69 28.88
N GLU C 17 -16.26 8.05 29.27
CA GLU C 17 -16.51 6.66 28.93
C GLU C 17 -16.63 6.46 27.41
N ALA C 18 -17.33 7.40 26.75
CA ALA C 18 -17.47 7.37 25.29
C ALA C 18 -16.12 7.58 24.60
N LEU C 19 -15.35 8.54 25.11
CA LEU C 19 -14.00 8.84 24.63
C LEU C 19 -13.04 7.65 24.85
N GLN C 20 -13.17 6.98 25.99
CA GLN C 20 -12.40 5.76 26.26
C GLN C 20 -12.72 4.71 25.20
N GLY C 21 -14.01 4.53 24.89
CA GLY C 21 -14.44 3.60 23.87
C GLY C 21 -13.84 3.92 22.50
N GLN C 22 -13.82 5.21 22.15
CA GLN C 22 -13.26 5.65 20.87
C GLN C 22 -11.77 5.36 20.77
N VAL C 23 -11.04 5.66 21.83
CA VAL C 23 -9.57 5.44 21.83
C VAL C 23 -9.25 3.93 21.74
N GLN C 24 -9.97 3.10 22.50
CA GLN C 24 -9.74 1.66 22.47
C GLN C 24 -10.02 1.09 21.08
N HIS C 25 -11.13 1.54 20.47
CA HIS C 25 -11.43 1.14 19.09
C HIS C 25 -10.31 1.57 18.13
N LEU C 26 -9.82 2.81 18.25
CA LEU C 26 -8.72 3.27 17.38
C LEU C 26 -7.43 2.48 17.58
N GLN C 27 -7.12 2.14 18.83
CA GLN C 27 -5.92 1.31 19.08
C GLN C 27 -6.02 -0.03 18.37
N ALA C 28 -7.19 -0.66 18.43
CA ALA C 28 -7.38 -1.94 17.76
C ALA C 28 -7.36 -1.77 16.21
N ALA C 29 -8.05 -0.75 15.71
CA ALA C 29 -8.10 -0.56 14.25
C ALA C 29 -6.73 -0.18 13.69
N PHE C 30 -5.98 0.64 14.42
CA PHE C 30 -4.67 1.09 13.97
C PHE C 30 -3.69 -0.08 13.92
N SER C 31 -3.72 -0.94 14.95
CA SER C 31 -2.87 -2.12 14.98
C SER C 31 -3.15 -3.05 13.78
N GLN C 32 -4.44 -3.24 13.46
CA GLN C 32 -4.84 -4.04 12.30
C GLN C 32 -4.31 -3.41 11.02
N TYR C 33 -4.52 -2.10 10.89
CA TYR C 33 -4.09 -1.35 9.72
C TYR C 33 -2.56 -1.42 9.49
N LYS C 34 -1.77 -1.36 10.56
CA LYS C 34 -0.30 -1.40 10.40
C LYS C 34 0.11 -2.72 9.74
N LYS C 35 -0.54 -3.80 10.15
CA LYS C 35 -0.24 -5.11 9.54
C LYS C 35 -0.53 -5.11 8.06
N VAL C 36 -1.67 -4.53 7.70
CA VAL C 36 -2.14 -4.48 6.32
C VAL C 36 -1.13 -3.66 5.49
N GLU C 37 -0.73 -2.49 6.02
CA GLU C 37 0.18 -1.64 5.29
C GLU C 37 1.51 -2.33 5.02
N LEU C 38 2.06 -3.00 6.03
CA LEU C 38 3.40 -3.59 5.91
C LEU C 38 3.43 -4.82 5.00
N PHE C 39 2.26 -5.42 4.78
CA PHE C 39 2.16 -6.55 3.86
C PHE C 39 1.97 -6.12 2.41
N PRO C 40 2.86 -6.58 1.49
CA PRO C 40 4.07 -7.38 1.65
C PRO C 40 5.40 -6.63 1.46
N ASN C 41 5.36 -5.30 1.43
CA ASN C 41 6.55 -4.52 1.04
C ASN C 41 7.26 -3.80 2.17
N GLY C 42 6.79 -3.96 3.40
CA GLY C 42 7.43 -3.31 4.56
C GLY C 42 7.93 -4.23 5.64
N GLN C 43 8.80 -3.68 6.49
CA GLN C 43 9.34 -4.37 7.66
C GLN C 43 9.54 -3.34 8.78
N SER C 44 9.01 -3.65 9.96
CA SER C 44 9.18 -2.80 11.13
C SER C 44 10.28 -3.43 12.02
N VAL C 45 11.21 -2.60 12.47
CA VAL C 45 12.29 -3.04 13.36
C VAL C 45 12.58 -1.90 14.32
N GLY C 46 12.33 -2.12 15.61
CA GLY C 46 12.41 -1.01 16.58
C GLY C 46 11.45 0.10 16.16
N GLU C 47 11.97 1.33 16.11
CA GLU C 47 11.17 2.48 15.72
C GLU C 47 11.28 2.80 14.23
N LYS C 48 12.00 1.94 13.50
CA LYS C 48 12.26 2.17 12.08
C LYS C 48 11.35 1.28 11.20
N ILE C 49 10.96 1.79 10.05
CA ILE C 49 10.21 1.00 9.08
C ILE C 49 10.91 1.09 7.73
N PHE C 50 11.24 -0.08 7.15
CA PHE C 50 11.75 -0.15 5.77
C PHE C 50 10.57 -0.45 4.86
N LYS C 51 10.49 0.24 3.74
CA LYS C 51 9.53 -0.12 2.70
C LYS C 51 10.18 -0.12 1.33
N THR C 52 9.96 -1.19 0.56
CA THR C 52 10.44 -1.22 -0.82
C THR C 52 9.40 -0.67 -1.81
N ALA C 53 9.90 0.03 -2.82
CA ALA C 53 9.06 0.48 -3.96
C ALA C 53 8.76 -0.64 -4.93
N GLY C 54 9.50 -1.75 -4.81
CA GLY C 54 9.27 -2.91 -5.65
C GLY C 54 9.87 -2.81 -7.05
N PHE C 55 10.69 -1.79 -7.29
CA PHE C 55 11.39 -1.65 -8.58
C PHE C 55 12.83 -1.15 -8.39
N VAL C 56 13.61 -1.15 -9.46
CA VAL C 56 15.02 -0.74 -9.43
C VAL C 56 15.25 0.66 -10.00
N LYS C 57 16.22 1.37 -9.44
CA LYS C 57 16.64 2.68 -9.93
C LYS C 57 18.15 2.83 -9.69
N PRO C 58 18.81 3.75 -10.44
CA PRO C 58 20.18 4.11 -10.09
C PRO C 58 20.17 4.85 -8.76
N PHE C 59 21.34 4.96 -8.11
CA PHE C 59 21.40 5.54 -6.77
C PHE C 59 20.78 6.95 -6.64
N THR C 60 21.13 7.85 -7.55
CA THR C 60 20.70 9.23 -7.41
C THR C 60 19.16 9.31 -7.46
N GLU C 61 18.57 8.57 -8.38
CA GLU C 61 17.10 8.52 -8.54
C GLU C 61 16.44 7.86 -7.34
N ALA C 62 17.04 6.77 -6.84
CA ALA C 62 16.54 6.07 -5.66
C ALA C 62 16.57 6.99 -4.44
N GLN C 63 17.69 7.70 -4.28
CA GLN C 63 17.89 8.62 -3.19
C GLN C 63 16.80 9.71 -3.19
N LEU C 64 16.50 10.24 -4.38
CA LEU C 64 15.54 11.34 -4.48
C LEU C 64 14.11 10.85 -4.20
N LEU C 65 13.78 9.66 -4.67
CA LEU C 65 12.48 9.04 -4.36
C LEU C 65 12.23 8.94 -2.86
N CYS C 66 13.25 8.52 -2.10
CA CYS C 66 13.09 8.40 -0.66
C CYS C 66 12.99 9.76 0.02
N THR C 67 13.85 10.69 -0.37
CA THR C 67 13.84 12.01 0.29
C THR C 67 12.54 12.77 0.01
N GLN C 68 12.05 12.68 -1.23
CA GLN C 68 10.77 13.33 -1.57
C GLN C 68 9.59 12.70 -0.85
N ALA C 69 9.66 11.40 -0.58
CA ALA C 69 8.67 10.70 0.23
C ALA C 69 8.74 11.02 1.73
N GLY C 70 9.73 11.79 2.13
CA GLY C 70 9.87 12.18 3.53
C GLY C 70 10.71 11.22 4.36
N GLY C 71 11.48 10.38 3.68
CA GLY C 71 12.36 9.44 4.38
C GLY C 71 13.77 9.50 3.80
N GLN C 72 14.47 8.37 3.85
CA GLN C 72 15.80 8.26 3.23
C GLN C 72 16.08 6.82 2.80
N LEU C 73 17.13 6.62 2.01
CA LEU C 73 17.45 5.26 1.60
C LEU C 73 17.78 4.42 2.82
N ALA C 74 17.52 3.13 2.71
CA ALA C 74 17.75 2.18 3.81
C ALA C 74 19.15 2.36 4.40
N SER C 75 19.19 2.53 5.73
CA SER C 75 20.42 2.82 6.46
C SER C 75 20.52 1.89 7.68
N PRO C 76 20.76 0.59 7.45
CA PRO C 76 20.80 -0.38 8.56
C PRO C 76 21.93 -0.05 9.54
N ARG C 77 21.57 0.15 10.81
CA ARG C 77 22.54 0.61 11.82
C ARG C 77 22.87 -0.42 12.90
N SER C 78 22.41 -1.65 12.68
CA SER C 78 22.60 -2.73 13.63
C SER C 78 22.30 -4.02 12.88
N ALA C 79 22.73 -5.15 13.43
CA ALA C 79 22.43 -6.46 12.87
C ALA C 79 20.92 -6.72 12.76
N ALA C 80 20.15 -6.26 13.75
CA ALA C 80 18.69 -6.45 13.70
C ALA C 80 18.10 -5.65 12.55
N GLU C 81 18.57 -4.43 12.34
CA GLU C 81 18.06 -3.63 11.22
C GLU C 81 18.47 -4.28 9.89
N ASN C 82 19.70 -4.78 9.83
CA ASN C 82 20.16 -5.40 8.58
C ASN C 82 19.35 -6.64 8.21
N ALA C 83 18.99 -7.44 9.22
CA ALA C 83 18.20 -8.66 8.99
C ALA C 83 16.79 -8.33 8.48
N ALA C 84 16.23 -7.24 9.01
CA ALA C 84 14.88 -6.83 8.62
C ALA C 84 14.90 -6.38 7.16
N LEU C 85 15.88 -5.52 6.82
CA LEU C 85 16.09 -5.11 5.42
C LEU C 85 16.30 -6.30 4.48
N GLN C 86 17.13 -7.24 4.91
CA GLN C 86 17.43 -8.44 4.15
C GLN C 86 16.16 -9.25 3.81
N GLN C 87 15.17 -9.27 4.70
CA GLN C 87 13.89 -9.92 4.36
C GLN C 87 13.24 -9.34 3.11
N LEU C 88 13.29 -8.02 2.94
CA LEU C 88 12.72 -7.40 1.75
C LEU C 88 13.49 -7.75 0.50
N VAL C 89 14.82 -7.78 0.63
CA VAL C 89 15.73 -8.14 -0.46
C VAL C 89 15.48 -9.58 -0.91
N VAL C 90 15.40 -10.50 0.05
CA VAL C 90 15.08 -11.91 -0.21
C VAL C 90 13.72 -12.06 -0.89
N ALA C 91 12.72 -11.35 -0.35
CA ALA C 91 11.36 -11.41 -0.89
C ALA C 91 11.29 -10.99 -2.36
N LYS C 92 11.97 -9.89 -2.69
CA LYS C 92 11.99 -9.37 -4.07
C LYS C 92 13.04 -10.06 -4.94
N ASN C 93 13.96 -10.80 -4.32
CA ASN C 93 15.11 -11.41 -5.01
C ASN C 93 15.90 -10.39 -5.82
N GLU C 94 16.09 -9.21 -5.23
CA GLU C 94 16.81 -8.13 -5.87
C GLU C 94 17.64 -7.38 -4.84
N ALA C 95 18.95 -7.35 -5.05
CA ALA C 95 19.83 -6.53 -4.23
C ALA C 95 19.40 -5.06 -4.24
N ALA C 96 19.58 -4.41 -3.09
CA ALA C 96 19.11 -3.04 -2.86
C ALA C 96 20.26 -2.10 -2.60
N PHE C 97 20.08 -0.82 -2.94
CA PHE C 97 20.99 0.23 -2.48
C PHE C 97 20.77 0.56 -1.01
N LEU C 98 21.87 0.80 -0.29
CA LEU C 98 21.84 1.48 0.99
C LEU C 98 22.04 2.98 0.78
N SER C 99 21.90 3.78 1.84
CA SER C 99 22.05 5.23 1.71
C SER C 99 23.49 5.70 1.64
N MET C 100 24.42 4.85 2.07
CA MET C 100 25.77 5.28 2.42
C MET C 100 26.71 5.29 1.23
N THR C 101 27.62 6.26 1.19
CA THR C 101 28.55 6.37 0.06
C THR C 101 29.93 6.84 0.57
N ASP C 102 30.97 6.63 -0.24
CA ASP C 102 32.27 7.26 0.04
C ASP C 102 32.63 8.23 -1.09
N SER C 103 31.59 8.89 -1.61
CA SER C 103 31.73 9.89 -2.67
C SER C 103 32.59 11.07 -2.22
N LYS C 104 32.51 11.43 -0.94
CA LYS C 104 33.26 12.58 -0.39
C LYS C 104 34.74 12.29 -0.17
N THR C 105 35.02 11.23 0.58
CA THR C 105 36.38 10.79 0.87
C THR C 105 36.47 9.31 0.55
N GLU C 106 37.14 8.98 -0.57
CA GLU C 106 37.32 7.59 -0.97
C GLU C 106 37.82 6.73 0.20
N GLY C 107 37.17 5.59 0.42
CA GLY C 107 37.53 4.67 1.49
C GLY C 107 36.91 4.97 2.85
N LYS C 108 36.12 6.04 2.93
CA LYS C 108 35.37 6.36 4.15
C LYS C 108 33.89 6.50 3.83
N PHE C 109 33.13 5.47 4.18
CA PHE C 109 31.69 5.47 3.92
C PHE C 109 30.99 6.24 5.01
N THR C 110 30.00 7.03 4.60
CA THR C 110 29.23 7.90 5.49
C THR C 110 27.72 7.87 5.18
N TYR C 111 26.92 8.17 6.21
CA TYR C 111 25.49 8.39 6.03
C TYR C 111 25.24 9.70 5.27
N PRO C 112 23.99 9.93 4.82
CA PRO C 112 23.74 11.16 4.05
C PRO C 112 24.00 12.45 4.85
N THR C 113 24.06 12.35 6.17
CA THR C 113 24.36 13.49 7.05
C THR C 113 25.86 13.76 7.17
N GLY C 114 26.69 12.84 6.71
CA GLY C 114 28.15 12.97 6.82
C GLY C 114 28.73 12.16 7.96
N GLU C 115 27.86 11.72 8.87
CA GLU C 115 28.22 10.85 9.98
C GLU C 115 28.91 9.59 9.46
N SER C 116 29.96 9.15 10.14
CA SER C 116 30.65 7.92 9.77
C SER C 116 29.85 6.70 10.22
N LEU C 117 30.11 5.56 9.58
CA LEU C 117 29.35 4.33 9.84
C LEU C 117 29.50 3.83 11.27
N VAL C 118 28.37 3.47 11.87
CA VAL C 118 28.33 2.90 13.23
C VAL C 118 28.11 1.38 13.20
N TYR C 119 27.88 0.85 12.01
CA TYR C 119 27.69 -0.59 11.79
C TYR C 119 28.03 -0.86 10.33
N SER C 120 28.60 -2.03 10.07
CA SER C 120 28.87 -2.49 8.70
C SER C 120 28.67 -3.99 8.61
N ASN C 121 28.37 -4.49 7.41
CA ASN C 121 28.24 -5.91 7.17
C ASN C 121 28.84 -6.31 5.81
N TRP C 122 30.07 -5.84 5.56
CA TRP C 122 30.75 -6.08 4.28
C TRP C 122 31.00 -7.55 3.99
N ALA C 123 30.75 -7.96 2.76
CA ALA C 123 31.17 -9.25 2.24
C ALA C 123 32.71 -9.32 2.28
N PRO C 124 33.28 -10.56 2.34
CA PRO C 124 34.74 -10.71 2.39
C PRO C 124 35.47 -9.91 1.30
N GLY C 125 36.42 -9.08 1.72
CA GLY C 125 37.27 -8.31 0.78
C GLY C 125 36.70 -6.96 0.38
N GLU C 126 35.47 -6.67 0.81
CA GLU C 126 34.80 -5.42 0.48
C GLU C 126 34.94 -4.44 1.63
N PRO C 127 34.89 -3.12 1.36
CA PRO C 127 34.74 -2.50 0.04
C PRO C 127 36.10 -2.50 -0.68
N ASN C 128 36.07 -2.72 -2.01
CA ASN C 128 37.31 -2.80 -2.80
C ASN C 128 37.45 -1.75 -3.91
N ASP C 129 36.49 -0.81 -3.99
CA ASP C 129 36.50 0.21 -5.05
C ASP C 129 36.91 -0.36 -6.40
N ASP C 130 36.20 -1.39 -6.86
CA ASP C 130 36.60 -2.15 -8.04
C ASP C 130 36.55 -1.22 -9.26
N GLY C 131 37.63 -1.20 -10.03
CA GLY C 131 37.71 -0.33 -11.20
C GLY C 131 37.96 1.12 -10.83
N GLY C 132 38.18 1.37 -9.54
CA GLY C 132 38.39 2.70 -9.01
C GLY C 132 37.14 3.57 -9.01
N SER C 133 35.95 2.97 -9.05
CA SER C 133 34.74 3.75 -9.19
C SER C 133 33.51 3.11 -8.53
N GLU C 134 33.69 2.62 -7.32
CA GLU C 134 32.55 2.05 -6.57
C GLU C 134 32.35 2.83 -5.30
N ASP C 135 31.35 3.72 -5.31
CA ASP C 135 31.14 4.61 -4.18
C ASP C 135 29.79 4.44 -3.47
N CYS C 136 28.94 3.58 -4.02
CA CYS C 136 27.65 3.24 -3.41
C CYS C 136 27.70 1.84 -2.81
N VAL C 137 26.66 1.43 -2.07
CA VAL C 137 26.68 0.14 -1.38
C VAL C 137 25.40 -0.63 -1.71
N GLU C 138 25.55 -1.88 -2.14
CA GLU C 138 24.40 -2.78 -2.29
C GLU C 138 24.37 -3.82 -1.17
N ILE C 139 23.16 -4.29 -0.83
CA ILE C 139 23.01 -5.38 0.12
C ILE C 139 22.44 -6.57 -0.66
N PHE C 140 23.10 -7.72 -0.53
CA PHE C 140 22.73 -8.96 -1.22
C PHE C 140 21.62 -9.71 -0.46
N THR C 141 21.04 -10.72 -1.11
CA THR C 141 20.08 -11.62 -0.46
C THR C 141 20.62 -12.34 0.79
N ASN C 142 21.95 -12.45 0.90
CA ASN C 142 22.59 -12.98 2.13
C ASN C 142 22.87 -11.93 3.21
N GLY C 143 22.43 -10.69 2.96
CA GLY C 143 22.55 -9.60 3.93
C GLY C 143 23.88 -8.88 3.92
N LYS C 144 24.87 -9.47 3.23
CA LYS C 144 26.21 -8.88 3.13
C LYS C 144 26.23 -7.71 2.15
N TRP C 145 27.20 -6.82 2.36
CA TRP C 145 27.27 -5.58 1.59
C TRP C 145 28.45 -5.62 0.61
N ASN C 146 28.26 -4.96 -0.53
CA ASN C 146 29.34 -4.79 -1.51
C ASN C 146 29.31 -3.37 -2.02
N ASP C 147 30.47 -2.71 -2.10
CA ASP C 147 30.50 -1.41 -2.79
C ASP C 147 30.35 -1.61 -4.30
N ARG C 148 29.54 -0.75 -4.90
CA ARG C 148 29.11 -0.93 -6.29
C ARG C 148 28.95 0.45 -6.94
N ALA C 149 29.08 0.51 -8.27
CA ALA C 149 29.01 1.81 -8.95
C ALA C 149 27.61 2.39 -8.77
N CYS C 150 27.55 3.68 -8.47
CA CYS C 150 26.27 4.39 -8.20
C CYS C 150 25.32 4.41 -9.39
N GLY C 151 25.86 4.21 -10.59
CA GLY C 151 25.00 4.22 -11.78
C GLY C 151 24.28 2.93 -12.08
N GLU C 152 24.61 1.83 -11.39
CA GLU C 152 23.91 0.55 -11.54
C GLU C 152 22.49 0.71 -10.96
N LYS C 153 21.56 -0.10 -11.45
CA LYS C 153 20.16 -0.10 -10.95
C LYS C 153 19.95 -1.16 -9.87
N ARG C 154 19.42 -0.75 -8.71
CA ARG C 154 19.18 -1.69 -7.63
C ARG C 154 17.80 -1.41 -7.03
N LEU C 155 17.29 -2.38 -6.29
CA LEU C 155 16.02 -2.25 -5.59
C LEU C 155 16.00 -1.00 -4.71
N VAL C 156 14.92 -0.26 -4.85
CA VAL C 156 14.69 0.93 -4.04
C VAL C 156 14.01 0.55 -2.74
N VAL C 157 14.69 0.80 -1.63
CA VAL C 157 14.12 0.55 -0.31
C VAL C 157 14.39 1.79 0.53
N CYS C 158 13.33 2.40 1.05
CA CYS C 158 13.50 3.59 1.89
C CYS C 158 13.27 3.24 3.34
N GLU C 159 13.69 4.12 4.24
CA GLU C 159 13.36 3.96 5.65
C GLU C 159 12.62 5.18 6.15
N PHE C 160 11.68 4.92 7.06
CA PHE C 160 10.84 5.94 7.67
C PHE C 160 10.85 5.79 9.19
CA CA D . -10.90 -30.39 -7.73
CA CA E . -8.31 -33.93 -0.55
CA CA F . -5.29 -36.02 0.77
C1 BM3 G . -10.24 -30.11 -13.35
O1 BM3 G . -10.33 -29.03 -14.06
C2 BM3 G . -11.39 -30.56 -12.49
N2 BM3 G . -11.58 -32.01 -12.36
C7 BM3 G . -12.70 -32.60 -12.80
O7 BM3 G . -13.62 -31.99 -13.31
C8 BM3 G . -12.80 -34.10 -12.62
C3 BM3 G . -10.96 -29.97 -11.14
O3 BM3 G . -11.85 -30.38 -10.10
C4 BM3 G . -9.51 -30.36 -10.74
O4 BM3 G . -9.14 -29.72 -9.49
C5 BM3 G . -8.49 -30.06 -11.85
C6 BM3 G . -7.09 -30.54 -11.49
O6 BM3 G . -6.24 -30.01 -12.49
O5 BM3 G . -8.90 -30.67 -13.07
CA CA H . -7.53 16.62 -27.91
CA CA I . -15.76 16.42 -26.45
CA CA J . -18.98 14.42 -27.39
C1 BM3 K . -3.08 14.73 -30.93
O1 BM3 K . -1.96 14.59 -30.31
C2 BM3 K . -3.79 16.08 -30.90
N2 BM3 K . -4.59 16.26 -32.11
C7 BM3 K . -4.51 17.39 -32.81
O7 BM3 K . -3.79 18.33 -32.49
C8 BM3 K . -5.39 17.45 -34.04
C3 BM3 K . -4.72 15.88 -29.69
O3 BM3 K . -5.57 17.01 -29.50
C4 BM3 K . -5.55 14.59 -29.82
O4 BM3 K . -6.32 14.38 -28.62
C5 BM3 K . -4.66 13.35 -30.10
C6 BM3 K . -5.50 12.10 -30.26
O6 BM3 K . -4.59 11.05 -30.56
O5 BM3 K . -3.88 13.57 -31.29
CA CA L . 33.00 -3.95 -4.59
CA CA M . 34.79 4.02 -3.31
CA CA N . 35.44 7.38 -5.19
C1 BM3 O . 32.70 -8.36 -8.21
O1 BM3 O . 31.77 -9.20 -8.00
C2 BM3 O . 33.72 -8.00 -7.14
N2 BM3 O . 35.01 -7.57 -7.70
C7 BM3 O . 36.15 -8.19 -7.38
O7 BM3 O . 36.19 -9.12 -6.58
C8 BM3 O . 37.40 -7.68 -8.04
C3 BM3 O . 32.99 -6.82 -6.49
O3 BM3 O . 33.76 -6.26 -5.42
C4 BM3 O . 32.59 -5.73 -7.51
O4 BM3 O . 31.83 -4.70 -6.84
C5 BM3 O . 31.80 -6.30 -8.71
C6 BM3 O . 31.56 -5.28 -9.80
O6 BM3 O . 30.78 -5.98 -10.78
O5 BM3 O . 32.53 -7.40 -9.30
#